data_5OVD
#
_entry.id   5OVD
#
_cell.length_a   40.941
_cell.length_b   85.372
_cell.length_c   176.100
_cell.angle_alpha   90.00
_cell.angle_beta   90.00
_cell.angle_gamma   90.00
#
_symmetry.space_group_name_H-M   'P 21 21 21'
#
loop_
_entity.id
_entity.type
_entity.pdbx_description
1 polymer 'Son of sevenless homolog 1'
2 non-polymer 1,2-ETHANEDIOL
3 water water
#
_entity_poly.entity_id   1
_entity_poly.type   'polypeptide(L)'
_entity_poly.pdbx_seq_one_letter_code
;GAMAEEQMRLPSADVYRFAEPDSEENIIFEENMQPKAGIPIIKAGTVIKLIERLTYHMYADPNFVRTFLTTYRSFCKPQE
LLSLIIERFEIPEPEPTEADRIAIENGDQPLSAELKRFRKEYIQPVQLRVLNVCRHWVEHHFYDFERDAYLLQRMEEFIG
TVRGKAMKKWVESITKIIQRKKIARDNGPGHNITFQSSPPTVEWHISRPGHIETFDLLTLHPIEIARQLTLLESDLYRAV
QPSELVGSVWTKEDKEINSPNLLKMIRHTTNLTLWFEKCIVETENLEERVAVVSRIIEILQVFQELNNFNGVLEVVSAMN
SSPVYRLDHTFEQIPSRQKKILEEAHELSEDHYKKYLAKLRSINPPCVPFFGIYLTNILKTEEGNPEVLKRHGKELINFS
KRRKVAEITGEIQQYQNQPYCLRVESDIKRFFENLNPMGNSMEKEFTDYLFNKSLEIEPRNPKPLPRFPKKYSYPLKSPG
VRPSNPRPGT
;
_entity_poly.pdbx_strand_id   A
#
loop_
_chem_comp.id
_chem_comp.type
_chem_comp.name
_chem_comp.formula
EDO non-polymer 1,2-ETHANEDIOL 'C2 H6 O2'
#
# COMPACT_ATOMS: atom_id res chain seq x y z
N GLY A 1 41.19 21.83 23.45
CA GLY A 1 41.58 21.94 22.01
C GLY A 1 40.42 22.24 21.07
N ALA A 2 40.63 21.99 19.78
CA ALA A 2 39.65 22.33 18.73
C ALA A 2 38.36 21.52 18.77
N MET A 3 38.46 20.23 19.11
CA MET A 3 37.27 19.37 19.29
C MET A 3 36.47 19.73 20.55
N ALA A 4 37.15 20.16 21.61
CA ALA A 4 36.50 20.58 22.85
C ALA A 4 35.71 21.89 22.66
N GLU A 5 36.34 22.89 22.03
CA GLU A 5 35.66 24.15 21.70
C GLU A 5 34.48 23.97 20.74
N GLU A 6 34.61 23.02 19.80
CA GLU A 6 33.49 22.61 18.94
C GLU A 6 32.30 22.08 19.75
N GLN A 7 32.59 21.10 20.60
CA GLN A 7 31.56 20.40 21.41
C GLN A 7 30.96 21.31 22.47
N MET A 8 31.80 22.10 23.14
CA MET A 8 31.35 23.02 24.19
C MET A 8 30.63 24.28 23.67
N ARG A 9 30.68 24.51 22.35
CA ARG A 9 29.75 25.46 21.72
C ARG A 9 28.33 24.90 21.71
N LEU A 10 28.21 23.57 21.57
CA LEU A 10 26.91 22.88 21.70
C LEU A 10 26.49 22.86 23.17
N PRO A 11 25.19 22.65 23.47
CA PRO A 11 24.76 22.60 24.87
C PRO A 11 25.14 21.29 25.57
N SER A 12 25.28 21.35 26.89
CA SER A 12 25.68 20.19 27.69
C SER A 12 24.53 19.21 27.86
N ALA A 13 24.87 17.99 28.29
CA ALA A 13 23.91 16.88 28.40
C ALA A 13 22.82 17.10 29.46
N ASP A 14 23.17 17.77 30.56
CA ASP A 14 22.18 18.04 31.62
C ASP A 14 21.10 19.08 31.25
N VAL A 15 21.22 19.75 30.10
CA VAL A 15 20.21 20.72 29.63
C VAL A 15 19.66 20.51 28.20
N TYR A 16 20.15 19.50 27.47
CA TYR A 16 19.73 19.23 26.08
C TYR A 16 20.25 17.83 25.70
N ARG A 17 19.35 16.97 25.22
CA ARG A 17 19.68 15.54 25.01
C ARG A 17 20.16 15.19 23.61
N PHE A 18 20.03 16.09 22.65
CA PHE A 18 20.32 15.79 21.24
C PHE A 18 21.73 16.19 20.76
N ALA A 19 22.65 16.46 21.68
CA ALA A 19 24.00 16.91 21.33
C ALA A 19 25.13 16.10 21.98
N GLU A 20 24.84 14.88 22.44
CA GLU A 20 25.88 13.93 22.82
C GLU A 20 26.65 13.53 21.54
N PRO A 21 27.96 13.20 21.65
CA PRO A 21 28.67 12.84 20.41
C PRO A 21 28.21 11.50 19.82
N ASP A 22 28.40 11.35 18.52
CA ASP A 22 28.16 10.07 17.84
C ASP A 22 29.16 9.04 18.35
N SER A 23 28.69 7.79 18.49
CA SER A 23 29.55 6.66 18.82
C SER A 23 28.93 5.35 18.32
N GLU A 24 29.65 4.26 18.53
CA GLU A 24 29.20 2.92 18.11
C GLU A 24 28.10 2.30 18.98
N GLU A 25 27.69 2.95 20.07
CA GLU A 25 26.55 2.50 20.88
C GLU A 25 25.36 3.47 20.89
N ASN A 26 25.36 4.46 19.99
CA ASN A 26 24.15 5.22 19.70
C ASN A 26 23.82 5.42 18.20
N ILE A 27 24.77 5.20 17.29
CA ILE A 27 24.53 5.30 15.84
C ILE A 27 25.54 4.51 15.00
N ILE A 28 25.04 3.72 14.04
CA ILE A 28 25.85 3.00 13.03
C ILE A 28 25.45 3.50 11.63
N PHE A 29 26.46 3.69 10.78
CA PHE A 29 26.25 4.14 9.40
C PHE A 29 26.52 3.01 8.43
N GLU A 30 25.67 2.87 7.41
CA GLU A 30 25.85 1.84 6.39
C GLU A 30 26.60 2.45 5.21
N GLU A 31 27.70 1.82 4.83
CA GLU A 31 28.34 2.10 3.54
C GLU A 31 29.23 0.93 3.13
N GLY A 38 29.25 12.97 -0.28
CA GLY A 38 27.93 12.36 -0.16
C GLY A 38 27.40 12.34 1.27
N ILE A 39 26.08 12.21 1.41
CA ILE A 39 25.42 12.16 2.72
C ILE A 39 25.56 10.73 3.28
N PRO A 40 25.93 10.60 4.59
CA PRO A 40 25.98 9.26 5.18
C PRO A 40 24.60 8.65 5.39
N ILE A 41 24.49 7.36 5.13
CA ILE A 41 23.22 6.66 5.18
C ILE A 41 23.18 5.86 6.48
N ILE A 42 22.22 6.17 7.33
CA ILE A 42 22.12 5.61 8.68
C ILE A 42 21.58 4.19 8.65
N LYS A 43 22.29 3.29 9.34
CA LYS A 43 21.90 1.89 9.47
C LYS A 43 21.05 1.65 10.71
N ALA A 44 21.49 2.21 11.83
CA ALA A 44 20.80 2.03 13.08
C ALA A 44 21.16 3.16 14.04
N GLY A 45 20.27 3.41 14.99
CA GLY A 45 20.55 4.34 16.07
C GLY A 45 19.46 4.39 17.11
N THR A 46 19.71 5.11 18.20
CA THR A 46 18.70 5.34 19.23
C THR A 46 17.67 6.29 18.65
N VAL A 47 16.49 6.35 19.27
CA VAL A 47 15.47 7.27 18.77
C VAL A 47 15.98 8.71 18.85
N ILE A 48 16.69 9.05 19.92
CA ILE A 48 17.26 10.41 20.10
C ILE A 48 18.26 10.75 18.96
N LYS A 49 19.08 9.79 18.58
CA LYS A 49 20.05 9.96 17.50
C LYS A 49 19.40 10.08 16.11
N LEU A 50 18.37 9.27 15.87
CA LEU A 50 17.56 9.42 14.64
C LEU A 50 16.95 10.82 14.54
N ILE A 51 16.38 11.29 15.63
CA ILE A 51 15.76 12.61 15.66
C ILE A 51 16.81 13.69 15.38
N GLU A 52 17.99 13.53 15.98
CA GLU A 52 19.10 14.45 15.76
C GLU A 52 19.43 14.59 14.26
N ARG A 53 19.68 13.45 13.63
CA ARG A 53 20.03 13.38 12.20
C ARG A 53 18.88 13.74 11.27
N LEU A 54 17.65 13.48 11.72
CA LEU A 54 16.44 13.89 10.99
C LEU A 54 16.39 15.41 10.81
N THR A 55 16.97 16.12 11.78
CA THR A 55 16.98 17.57 11.81
C THR A 55 18.42 18.12 11.93
N TYR A 56 19.33 17.52 11.16
CA TYR A 56 20.77 17.80 11.27
C TYR A 56 21.08 19.20 10.74
N HIS A 57 21.94 19.90 11.47
CA HIS A 57 22.30 21.28 11.15
C HIS A 57 23.17 21.42 9.90
N MET A 58 24.13 20.52 9.72
CA MET A 58 25.14 20.68 8.68
C MET A 58 24.63 20.53 7.24
N TYR A 59 23.49 19.86 7.04
CA TYR A 59 22.93 19.70 5.69
C TYR A 59 21.47 19.25 5.67
N ALA A 60 20.87 19.33 4.48
CA ALA A 60 19.55 18.78 4.21
C ALA A 60 19.68 17.29 3.94
N ASP A 61 18.63 16.55 4.28
CA ASP A 61 18.59 15.12 4.06
C ASP A 61 17.18 14.69 3.65
N PRO A 62 16.72 15.11 2.45
CA PRO A 62 15.35 14.81 2.05
C PRO A 62 15.02 13.30 2.02
N ASN A 63 15.98 12.45 1.65
CA ASN A 63 15.75 11.00 1.64
C ASN A 63 15.49 10.43 3.02
N PHE A 64 16.21 10.93 4.03
CA PHE A 64 16.03 10.46 5.40
C PHE A 64 14.72 10.97 6.02
N VAL A 65 14.36 12.22 5.74
CA VAL A 65 13.10 12.77 6.21
C VAL A 65 11.92 11.96 5.66
N ARG A 66 11.93 11.75 4.34
CA ARG A 66 10.88 10.99 3.65
C ARG A 66 10.73 9.58 4.25
N THR A 67 11.85 8.88 4.34
CA THR A 67 11.85 7.49 4.82
C THR A 67 11.44 7.41 6.28
N PHE A 68 11.93 8.36 7.08
CA PHE A 68 11.61 8.42 8.50
C PHE A 68 10.12 8.65 8.69
N LEU A 69 9.57 9.71 8.08
CA LEU A 69 8.15 10.01 8.23
C LEU A 69 7.22 8.91 7.68
N THR A 70 7.68 8.16 6.69
CA THR A 70 6.96 6.96 6.25
C THR A 70 7.00 5.81 7.29
N THR A 71 8.15 5.61 7.96
CA THR A 71 8.37 4.36 8.69
C THR A 71 8.38 4.48 10.20
N TYR A 72 8.33 5.70 10.75
CA TYR A 72 8.63 5.91 12.17
C TYR A 72 7.67 5.23 13.14
N ARG A 73 6.43 5.06 12.70
CA ARG A 73 5.38 4.46 13.58
C ARG A 73 5.74 3.05 14.01
N SER A 74 6.61 2.40 13.25
CA SER A 74 7.12 1.08 13.64
C SER A 74 8.10 1.11 14.82
N PHE A 75 8.57 2.29 15.25
CA PHE A 75 9.43 2.42 16.44
C PHE A 75 9.14 3.57 17.40
N CYS A 76 8.19 4.43 17.08
CA CYS A 76 7.93 5.65 17.85
C CYS A 76 6.48 6.07 17.58
N LYS A 77 5.73 6.37 18.62
CA LYS A 77 4.36 6.84 18.46
C LYS A 77 4.36 8.29 17.95
N PRO A 78 3.33 8.68 17.18
CA PRO A 78 3.19 10.06 16.72
C PRO A 78 3.31 11.12 17.86
N GLN A 79 2.62 10.86 18.99
CA GLN A 79 2.71 11.74 20.16
C GLN A 79 4.15 11.90 20.65
N GLU A 80 4.87 10.77 20.77
CA GLU A 80 6.29 10.76 21.16
C GLU A 80 7.13 11.54 20.13
N LEU A 81 6.88 11.35 18.84
CA LEU A 81 7.68 12.00 17.80
C LEU A 81 7.54 13.51 17.91
N LEU A 82 6.30 13.96 18.09
CA LEU A 82 6.04 15.41 18.22
C LEU A 82 6.74 15.98 19.43
N SER A 83 6.63 15.32 20.59
CA SER A 83 7.36 15.74 21.82
C SER A 83 8.87 15.80 21.59
N LEU A 84 9.41 14.85 20.83
CA LEU A 84 10.86 14.79 20.57
C LEU A 84 11.37 15.89 19.63
N ILE A 85 10.58 16.27 18.62
CA ILE A 85 10.99 17.37 17.71
C ILE A 85 10.79 18.76 18.33
N ILE A 86 9.79 18.90 19.20
CA ILE A 86 9.61 20.14 19.97
C ILE A 86 10.75 20.29 20.97
N GLU A 87 11.11 19.20 21.64
CA GLU A 87 12.29 19.20 22.51
C GLU A 87 13.55 19.55 21.69
N ARG A 88 13.73 18.89 20.55
CA ARG A 88 14.83 19.23 19.62
C ARG A 88 14.88 20.73 19.27
N PHE A 89 13.72 21.35 19.08
CA PHE A 89 13.58 22.77 18.70
C PHE A 89 13.96 23.75 19.82
N GLU A 90 13.65 23.38 21.07
CA GLU A 90 13.88 24.26 22.22
C GLU A 90 15.33 24.12 22.69
N ILE A 91 16.24 24.66 21.90
CA ILE A 91 17.68 24.60 22.18
C ILE A 91 18.04 25.75 23.13
N PRO A 92 18.69 25.45 24.28
CA PRO A 92 19.09 26.51 25.19
C PRO A 92 20.34 27.23 24.69
N GLU A 93 20.43 28.52 25.03
CA GLU A 93 21.58 29.34 24.68
C GLU A 93 22.57 29.26 25.83
N PRO A 94 23.89 29.28 25.54
CA PRO A 94 24.88 29.18 26.61
C PRO A 94 24.90 30.43 27.51
N GLU A 95 25.59 30.33 28.64
CA GLU A 95 25.76 31.48 29.54
C GLU A 95 26.57 32.57 28.83
N PRO A 96 26.34 33.85 29.19
CA PRO A 96 27.16 34.91 28.61
C PRO A 96 28.56 34.94 29.24
N THR A 97 29.43 35.80 28.69
CA THR A 97 30.76 36.04 29.28
C THR A 97 30.61 37.10 30.37
N GLU A 98 31.71 37.47 31.02
CA GLU A 98 31.67 38.45 32.11
C GLU A 98 31.40 39.87 31.60
N ALA A 99 32.06 40.26 30.51
CA ALA A 99 31.91 41.62 29.96
C ALA A 99 30.51 41.88 29.36
N ASP A 100 29.91 40.84 28.77
CA ASP A 100 28.53 40.92 28.22
C ASP A 100 27.48 41.07 29.33
N ARG A 101 27.63 40.22 30.35
CA ARG A 101 26.78 40.24 31.55
C ARG A 101 26.67 41.64 32.18
N ILE A 102 27.79 42.36 32.20
CA ILE A 102 27.86 43.71 32.77
C ILE A 102 27.17 44.72 31.85
N ALA A 103 27.47 44.66 30.55
CA ALA A 103 26.82 45.51 29.54
C ALA A 103 25.40 45.02 29.25
N PRO A 110 25.78 44.36 24.65
CA PRO A 110 26.56 43.14 24.77
C PRO A 110 27.14 42.67 23.43
N LEU A 111 28.38 42.16 23.46
CA LEU A 111 29.10 41.75 22.25
C LEU A 111 28.53 40.45 21.70
N SER A 112 28.50 39.43 22.56
CA SER A 112 27.85 38.15 22.30
C SER A 112 28.39 37.50 21.02
N ALA A 113 29.72 37.40 20.94
CA ALA A 113 30.41 36.88 19.75
C ALA A 113 30.06 35.41 19.48
N GLU A 114 30.24 34.57 20.49
CA GLU A 114 29.98 33.12 20.37
C GLU A 114 28.48 32.79 20.38
N LEU A 115 27.71 33.59 21.11
CA LEU A 115 26.25 33.46 21.16
C LEU A 115 25.60 33.77 19.81
N LYS A 116 26.01 34.87 19.17
CA LYS A 116 25.52 35.20 17.83
C LYS A 116 25.98 34.17 16.78
N ARG A 117 27.18 33.63 16.96
CA ARG A 117 27.65 32.52 16.13
C ARG A 117 26.75 31.29 16.29
N PHE A 118 26.47 30.94 17.53
CA PHE A 118 25.67 29.74 17.86
C PHE A 118 24.26 29.80 17.26
N ARG A 119 23.62 30.96 17.39
CA ARG A 119 22.30 31.19 16.77
C ARG A 119 22.29 30.96 15.26
N LYS A 120 23.28 31.56 14.58
CA LYS A 120 23.39 31.47 13.12
C LYS A 120 23.77 30.07 12.61
N GLU A 121 24.76 29.44 13.24
CA GLU A 121 25.33 28.18 12.74
C GLU A 121 24.84 26.90 13.45
N TYR A 122 23.83 27.02 14.30
CA TYR A 122 23.25 25.85 14.95
C TYR A 122 21.77 25.99 15.25
N ILE A 123 21.39 26.94 16.10
CA ILE A 123 19.98 27.05 16.52
C ILE A 123 19.05 27.24 15.32
N GLN A 124 19.37 28.25 14.49
CA GLN A 124 18.53 28.58 13.34
C GLN A 124 18.45 27.43 12.31
N PRO A 125 19.61 26.81 11.93
CA PRO A 125 19.57 25.61 11.07
C PRO A 125 18.69 24.49 11.61
N VAL A 126 18.89 24.12 12.87
CA VAL A 126 18.13 23.02 13.49
C VAL A 126 16.64 23.36 13.54
N GLN A 127 16.31 24.59 13.92
CA GLN A 127 14.91 25.02 13.97
C GLN A 127 14.21 25.01 12.59
N LEU A 128 14.92 25.47 11.55
CA LEU A 128 14.44 25.36 10.16
C LEU A 128 14.25 23.89 9.71
N ARG A 129 15.13 23.01 10.18
CA ARG A 129 15.01 21.57 9.94
C ARG A 129 13.77 20.97 10.60
N VAL A 130 13.50 21.40 11.83
CA VAL A 130 12.33 20.92 12.55
C VAL A 130 11.05 21.34 11.81
N LEU A 131 10.99 22.61 11.37
CA LEU A 131 9.84 23.11 10.62
C LEU A 131 9.66 22.39 9.28
N ASN A 132 10.77 22.01 8.65
CA ASN A 132 10.75 21.22 7.41
C ASN A 132 10.13 19.85 7.65
N VAL A 133 10.57 19.19 8.72
CA VAL A 133 9.97 17.95 9.19
C VAL A 133 8.47 18.15 9.51
N CYS A 134 8.12 19.23 10.19
CA CYS A 134 6.70 19.53 10.44
C CYS A 134 5.87 19.70 9.17
N ARG A 135 6.44 20.36 8.18
CA ARG A 135 5.79 20.58 6.90
C ARG A 135 5.61 19.27 6.12
N HIS A 136 6.67 18.46 6.04
CA HIS A 136 6.60 17.16 5.37
C HIS A 136 5.55 16.28 6.05
N TRP A 137 5.52 16.32 7.39
CA TRP A 137 4.57 15.56 8.21
C TRP A 137 3.11 15.91 7.90
N VAL A 138 2.75 17.20 7.97
CA VAL A 138 1.37 17.60 7.68
C VAL A 138 0.97 17.47 6.22
N GLU A 139 1.93 17.65 5.32
CA GLU A 139 1.68 17.56 3.86
C GLU A 139 1.49 16.10 3.37
N HIS A 140 2.40 15.21 3.78
CA HIS A 140 2.44 13.84 3.28
C HIS A 140 1.83 12.79 4.22
N HIS A 141 1.60 13.13 5.49
CA HIS A 141 1.08 12.17 6.47
C HIS A 141 0.01 12.82 7.35
N PHE A 142 -0.90 13.59 6.75
CA PHE A 142 -1.93 14.28 7.53
C PHE A 142 -2.82 13.31 8.31
N TYR A 143 -2.98 12.09 7.80
CA TYR A 143 -3.77 11.06 8.49
C TYR A 143 -3.43 10.90 9.97
N ASP A 144 -2.16 11.12 10.34
CA ASP A 144 -1.79 11.07 11.77
C ASP A 144 -2.63 12.06 12.55
N PHE A 145 -2.80 13.24 11.95
CA PHE A 145 -3.53 14.33 12.60
C PHE A 145 -5.03 14.18 12.50
N GLU A 146 -5.51 13.52 11.45
CA GLU A 146 -6.94 13.18 11.35
C GLU A 146 -7.32 12.18 12.43
N ARG A 147 -6.48 11.15 12.62
CA ARG A 147 -6.75 10.12 13.62
C ARG A 147 -6.58 10.61 15.06
N ASP A 148 -5.77 11.64 15.28
CA ASP A 148 -5.51 12.14 16.64
C ASP A 148 -5.70 13.67 16.68
N ALA A 149 -6.84 14.09 17.24
CA ALA A 149 -7.18 15.51 17.33
C ALA A 149 -6.22 16.26 18.25
N TYR A 150 -5.92 15.68 19.41
CA TYR A 150 -4.97 16.25 20.35
C TYR A 150 -3.58 16.47 19.72
N LEU A 151 -3.15 15.55 18.83
CA LEU A 151 -1.89 15.69 18.11
C LEU A 151 -1.90 16.93 17.21
N LEU A 152 -2.98 17.10 16.45
CA LEU A 152 -3.18 18.31 15.64
C LEU A 152 -3.20 19.58 16.49
N GLN A 153 -3.93 19.53 17.61
CA GLN A 153 -4.01 20.67 18.56
C GLN A 153 -2.60 21.05 19.07
N ARG A 154 -1.81 20.03 19.39
CA ARG A 154 -0.43 20.23 19.83
C ARG A 154 0.46 20.83 18.75
N MET A 155 0.29 20.34 17.51
CA MET A 155 1.06 20.87 16.38
C MET A 155 0.75 22.35 16.12
N GLU A 156 -0.54 22.69 16.08
CA GLU A 156 -0.99 24.08 15.85
C GLU A 156 -0.60 25.02 16.99
N GLU A 157 -0.68 24.56 18.25
CA GLU A 157 -0.17 25.33 19.39
C GLU A 157 1.36 25.55 19.28
N PHE A 158 2.11 24.51 18.96
CA PHE A 158 3.56 24.64 18.77
C PHE A 158 3.91 25.66 17.67
N ILE A 159 3.30 25.50 16.50
CA ILE A 159 3.61 26.31 15.32
C ILE A 159 3.22 27.78 15.55
N GLY A 160 2.13 28.00 16.27
CA GLY A 160 1.67 29.34 16.64
C GLY A 160 2.49 30.05 17.72
N THR A 161 3.35 29.31 18.42
CA THR A 161 4.31 29.90 19.37
C THR A 161 5.70 30.15 18.77
N VAL A 162 5.94 29.71 17.53
CA VAL A 162 7.23 29.95 16.87
C VAL A 162 7.36 31.40 16.46
N ARG A 163 8.39 32.08 16.97
CA ARG A 163 8.68 33.48 16.64
C ARG A 163 10.05 33.63 15.98
N GLY A 164 10.23 34.73 15.25
CA GLY A 164 11.49 35.00 14.55
C GLY A 164 11.29 35.33 13.08
N LYS A 165 12.25 36.07 12.51
CA LYS A 165 12.21 36.51 11.11
C LYS A 165 12.17 35.32 10.14
N ALA A 166 13.18 34.45 10.22
CA ALA A 166 13.31 33.30 9.32
C ALA A 166 12.11 32.36 9.34
N MET A 167 11.42 32.30 10.48
CA MET A 167 10.40 31.28 10.73
C MET A 167 9.08 31.56 10.00
N LYS A 168 8.63 32.81 9.97
CA LYS A 168 7.26 33.11 9.50
C LYS A 168 6.93 32.59 8.09
N LYS A 169 7.93 32.54 7.20
CA LYS A 169 7.77 31.92 5.87
C LYS A 169 7.42 30.44 5.99
N TRP A 170 8.05 29.76 6.95
CA TRP A 170 7.71 28.37 7.28
C TRP A 170 6.36 28.25 8.00
N VAL A 171 6.11 29.13 8.97
CA VAL A 171 4.88 29.06 9.76
C VAL A 171 3.63 29.26 8.88
N GLU A 172 3.73 30.16 7.89
CA GLU A 172 2.66 30.38 6.93
C GLU A 172 2.53 29.22 5.93
N SER A 173 3.66 28.66 5.51
CA SER A 173 3.66 27.47 4.64
C SER A 173 2.95 26.30 5.32
N ILE A 174 3.32 26.03 6.56
CA ILE A 174 2.71 24.94 7.34
C ILE A 174 1.24 25.17 7.63
N THR A 175 0.88 26.38 8.05
CA THR A 175 -0.50 26.68 8.44
C THR A 175 -1.44 26.56 7.24
N LYS A 176 -0.98 26.97 6.05
CA LYS A 176 -1.80 26.88 4.83
C LYS A 176 -2.08 25.42 4.43
N ILE A 177 -1.07 24.58 4.58
CA ILE A 177 -1.20 23.14 4.31
C ILE A 177 -2.28 22.44 5.19
N ILE A 178 -2.16 22.74 6.51
CA ILE A 178 -3.14 22.28 7.52
C ILE A 178 -4.59 22.70 7.16
N GLN A 179 -4.77 23.99 6.87
CA GLN A 179 -6.07 24.51 6.43
C GLN A 179 -6.52 23.85 5.13
N ARG A 180 -5.55 23.63 4.22
CA ARG A 180 -5.82 22.92 2.96
C ARG A 180 -6.40 21.53 3.23
N LYS A 181 -5.77 20.82 4.16
CA LYS A 181 -6.12 19.44 4.49
C LYS A 181 -7.45 19.33 5.23
N LYS A 182 -7.74 20.28 6.11
CA LYS A 182 -9.06 20.38 6.75
C LYS A 182 -10.18 20.59 5.72
N ILE A 183 -9.95 21.49 4.78
CA ILE A 183 -10.90 21.76 3.68
C ILE A 183 -11.03 20.55 2.74
N ALA A 184 -9.90 19.91 2.44
CA ALA A 184 -9.85 18.68 1.61
C ALA A 184 -10.71 17.53 2.13
N ARG A 185 -10.91 17.45 3.45
CA ARG A 185 -11.83 16.49 4.05
C ARG A 185 -13.28 16.82 3.68
N THR A 194 -11.45 15.47 -17.40
CA THR A 194 -10.82 14.24 -16.91
C THR A 194 -10.31 13.29 -18.01
N PHE A 195 -11.08 13.06 -19.08
CA PHE A 195 -10.66 12.11 -20.13
C PHE A 195 -9.79 12.78 -21.19
N GLN A 196 -8.63 12.18 -21.46
CA GLN A 196 -7.68 12.71 -22.45
C GLN A 196 -8.16 12.37 -23.87
N SER A 197 -8.67 11.15 -24.06
CA SER A 197 -9.32 10.74 -25.31
C SER A 197 -10.68 10.11 -25.00
N SER A 198 -11.44 9.75 -26.04
CA SER A 198 -12.80 9.24 -25.86
C SER A 198 -12.77 7.81 -25.35
N PRO A 199 -13.38 7.56 -24.17
CA PRO A 199 -13.47 6.19 -23.70
C PRO A 199 -14.43 5.40 -24.59
N PRO A 200 -14.18 4.08 -24.75
CA PRO A 200 -15.07 3.28 -25.57
C PRO A 200 -16.47 3.17 -24.99
N THR A 201 -17.41 2.84 -25.85
CA THR A 201 -18.80 2.62 -25.46
C THR A 201 -18.89 1.51 -24.42
N VAL A 202 -19.70 1.74 -23.39
CA VAL A 202 -19.97 0.71 -22.39
C VAL A 202 -20.69 -0.48 -23.08
N GLU A 203 -20.25 -1.69 -22.77
CA GLU A 203 -20.78 -2.92 -23.41
C GLU A 203 -21.81 -3.62 -22.51
N TRP A 204 -22.88 -4.10 -23.14
CA TRP A 204 -23.97 -4.82 -22.51
C TRP A 204 -24.20 -6.11 -23.29
N HIS A 205 -24.76 -7.10 -22.60
CA HIS A 205 -24.94 -8.46 -23.15
C HIS A 205 -26.40 -8.90 -22.95
N ILE A 206 -26.74 -9.53 -21.83
CA ILE A 206 -28.12 -9.97 -21.59
C ILE A 206 -28.83 -8.94 -20.72
N SER A 207 -28.24 -8.64 -19.55
CA SER A 207 -28.77 -7.63 -18.65
C SER A 207 -28.82 -6.26 -19.34
N ARG A 208 -29.98 -5.62 -19.28
CA ARG A 208 -30.15 -4.27 -19.83
C ARG A 208 -29.62 -3.25 -18.84
N PRO A 209 -29.13 -2.09 -19.34
CA PRO A 209 -28.78 -0.95 -18.46
C PRO A 209 -29.87 -0.67 -17.40
N GLY A 210 -29.46 -0.55 -16.16
CA GLY A 210 -30.40 -0.30 -15.06
C GLY A 210 -31.09 -1.53 -14.46
N HIS A 211 -31.06 -2.68 -15.14
CA HIS A 211 -31.76 -3.87 -14.64
C HIS A 211 -30.85 -4.65 -13.67
N ILE A 212 -30.54 -3.99 -12.56
CA ILE A 212 -29.51 -4.45 -11.63
C ILE A 212 -29.80 -5.80 -11.00
N GLU A 213 -31.09 -6.15 -10.94
CA GLU A 213 -31.52 -7.40 -10.32
C GLU A 213 -31.11 -8.63 -11.10
N THR A 214 -30.85 -8.49 -12.40
CA THR A 214 -30.44 -9.60 -13.27
C THR A 214 -28.94 -9.65 -13.49
N PHE A 215 -28.21 -8.65 -12.97
CA PHE A 215 -26.74 -8.59 -13.08
C PHE A 215 -26.12 -9.83 -12.48
N ASP A 216 -25.22 -10.45 -13.25
CA ASP A 216 -24.53 -11.66 -12.81
C ASP A 216 -23.36 -11.93 -13.76
N LEU A 217 -22.60 -12.98 -13.47
CA LEU A 217 -21.40 -13.30 -14.22
C LEU A 217 -21.64 -13.46 -15.72
N LEU A 218 -22.71 -14.18 -16.05
CA LEU A 218 -22.99 -14.55 -17.45
C LEU A 218 -23.90 -13.55 -18.13
N THR A 219 -24.58 -12.69 -17.38
CA THR A 219 -25.56 -11.75 -17.95
C THR A 219 -24.97 -10.39 -18.26
N LEU A 220 -23.99 -9.95 -17.48
CA LEU A 220 -23.19 -8.77 -17.87
C LEU A 220 -22.23 -9.13 -18.99
N HIS A 221 -21.78 -8.13 -19.74
CA HIS A 221 -20.81 -8.37 -20.81
C HIS A 221 -19.42 -8.64 -20.22
N PRO A 222 -18.75 -9.74 -20.66
CA PRO A 222 -17.42 -9.98 -20.08
C PRO A 222 -16.41 -8.84 -20.27
N ILE A 223 -16.47 -8.13 -21.40
CA ILE A 223 -15.61 -6.96 -21.59
C ILE A 223 -15.88 -5.95 -20.48
N GLU A 224 -17.16 -5.67 -20.22
CA GLU A 224 -17.52 -4.65 -19.22
C GLU A 224 -17.24 -5.09 -17.79
N ILE A 225 -17.38 -6.37 -17.50
CA ILE A 225 -16.96 -6.90 -16.19
C ILE A 225 -15.48 -6.59 -15.94
N ALA A 226 -14.64 -6.89 -16.92
CA ALA A 226 -13.20 -6.65 -16.77
C ALA A 226 -12.89 -5.13 -16.66
N ARG A 227 -13.57 -4.32 -17.44
CA ARG A 227 -13.33 -2.88 -17.40
C ARG A 227 -13.70 -2.31 -16.05
N GLN A 228 -14.87 -2.69 -15.55
CA GLN A 228 -15.37 -2.09 -14.30
C GLN A 228 -14.60 -2.60 -13.10
N LEU A 229 -14.19 -3.88 -13.14
CA LEU A 229 -13.30 -4.41 -12.09
C LEU A 229 -11.91 -3.76 -12.10
N THR A 230 -11.45 -3.41 -13.29
CA THR A 230 -10.16 -2.73 -13.47
C THR A 230 -10.21 -1.30 -12.91
N LEU A 231 -11.28 -0.57 -13.19
CA LEU A 231 -11.43 0.76 -12.60
C LEU A 231 -11.51 0.68 -11.07
N LEU A 232 -12.28 -0.27 -10.58
CA LEU A 232 -12.43 -0.44 -9.13
C LEU A 232 -11.09 -0.81 -8.47
N GLU A 233 -10.38 -1.76 -9.06
CA GLU A 233 -9.07 -2.18 -8.53
C GLU A 233 -8.00 -1.12 -8.71
N SER A 234 -8.03 -0.39 -9.83
CA SER A 234 -7.17 0.79 -9.98
C SER A 234 -7.37 1.79 -8.82
N ASP A 235 -8.62 2.17 -8.54
CA ASP A 235 -8.88 3.16 -7.43
C ASP A 235 -8.41 2.59 -6.08
N LEU A 236 -8.68 1.30 -5.82
CA LEU A 236 -8.23 0.68 -4.57
C LEU A 236 -6.72 0.66 -4.44
N TYR A 237 -6.04 0.35 -5.54
CA TYR A 237 -4.58 0.31 -5.55
C TYR A 237 -4.03 1.71 -5.28
N ARG A 238 -4.61 2.71 -5.95
CA ARG A 238 -4.12 4.08 -5.89
C ARG A 238 -4.29 4.69 -4.47
N ALA A 239 -5.23 4.16 -3.68
CA ALA A 239 -5.57 4.71 -2.35
C ALA A 239 -4.66 4.23 -1.21
N VAL A 240 -3.88 3.17 -1.44
CA VAL A 240 -3.01 2.60 -0.39
C VAL A 240 -1.82 3.53 -0.09
N GLN A 241 -1.70 3.94 1.17
CA GLN A 241 -0.57 4.74 1.64
C GLN A 241 0.55 3.85 2.16
N PRO A 242 1.82 4.26 1.95
CA PRO A 242 2.91 3.41 2.40
C PRO A 242 2.90 3.02 3.86
N SER A 243 2.53 3.93 4.76
CA SER A 243 2.52 3.59 6.19
C SER A 243 1.56 2.45 6.58
N GLU A 244 0.58 2.18 5.73
CA GLU A 244 -0.35 1.06 5.94
C GLU A 244 0.36 -0.29 5.83
N LEU A 245 1.51 -0.31 5.18
CA LEU A 245 2.30 -1.53 4.99
C LEU A 245 3.52 -1.65 5.91
N VAL A 246 3.85 -0.63 6.70
CA VAL A 246 5.07 -0.69 7.52
C VAL A 246 4.83 -1.41 8.84
N GLY A 247 5.79 -2.23 9.26
CA GLY A 247 5.70 -2.97 10.50
C GLY A 247 4.55 -3.96 10.63
N SER A 248 4.07 -4.45 9.48
CA SER A 248 2.97 -5.37 9.39
C SER A 248 1.74 -4.94 10.17
N VAL A 249 1.42 -3.63 10.13
CA VAL A 249 0.33 -3.11 10.95
C VAL A 249 -1.05 -3.57 10.53
N TRP A 250 -1.18 -4.02 9.28
CA TRP A 250 -2.42 -4.57 8.75
C TRP A 250 -2.79 -5.96 9.32
N THR A 251 -1.82 -6.62 9.98
CA THR A 251 -2.05 -7.89 10.68
C THR A 251 -2.16 -7.75 12.20
N LYS A 252 -2.21 -6.51 12.72
CA LYS A 252 -2.17 -6.23 14.16
C LYS A 252 -3.50 -5.65 14.62
N GLU A 253 -3.63 -5.47 15.94
CA GLU A 253 -4.89 -5.10 16.60
C GLU A 253 -5.62 -3.87 16.05
N ASP A 254 -4.89 -2.79 15.81
CA ASP A 254 -5.49 -1.56 15.24
C ASP A 254 -5.46 -1.52 13.68
N LYS A 255 -5.48 -2.68 13.03
CA LYS A 255 -5.42 -2.76 11.54
C LYS A 255 -6.47 -1.89 10.83
N GLU A 256 -7.68 -1.79 11.39
CA GLU A 256 -8.78 -1.06 10.72
C GLU A 256 -8.52 0.42 10.64
N ILE A 257 -7.81 0.94 11.63
CA ILE A 257 -7.41 2.34 11.68
C ILE A 257 -6.14 2.61 10.87
N ASN A 258 -5.14 1.76 11.04
CA ASN A 258 -3.83 1.97 10.42
C ASN A 258 -3.74 1.56 8.96
N SER A 259 -4.58 0.62 8.52
CA SER A 259 -4.44 0.04 7.18
C SER A 259 -5.76 -0.12 6.41
N PRO A 260 -6.61 0.94 6.37
CA PRO A 260 -7.95 0.79 5.84
C PRO A 260 -8.01 0.64 4.33
N ASN A 261 -7.13 1.32 3.60
CA ASN A 261 -7.11 1.16 2.15
C ASN A 261 -6.53 -0.21 1.75
N LEU A 262 -5.45 -0.59 2.43
CA LEU A 262 -4.86 -1.91 2.27
C LEU A 262 -5.89 -3.00 2.53
N LEU A 263 -6.60 -2.89 3.65
CA LEU A 263 -7.60 -3.91 3.95
C LEU A 263 -8.72 -3.99 2.95
N LYS A 264 -9.18 -2.84 2.45
CA LYS A 264 -10.17 -2.82 1.37
C LYS A 264 -9.66 -3.55 0.13
N MET A 265 -8.40 -3.32 -0.25
CA MET A 265 -7.80 -4.00 -1.42
C MET A 265 -7.79 -5.53 -1.22
N ILE A 266 -7.31 -5.96 -0.05
CA ILE A 266 -7.20 -7.39 0.27
C ILE A 266 -8.57 -8.04 0.34
N ARG A 267 -9.52 -7.36 0.99
CA ARG A 267 -10.87 -7.85 1.07
C ARG A 267 -11.55 -7.98 -0.29
N HIS A 268 -11.34 -7.00 -1.16
CA HIS A 268 -11.86 -7.11 -2.53
C HIS A 268 -11.29 -8.35 -3.27
N THR A 269 -9.98 -8.52 -3.21
CA THR A 269 -9.32 -9.68 -3.84
C THR A 269 -9.89 -11.00 -3.32
N THR A 270 -10.05 -11.10 -2.02
CA THR A 270 -10.67 -12.28 -1.42
C THR A 270 -12.10 -12.50 -1.94
N ASN A 271 -12.90 -11.46 -1.91
CA ASN A 271 -14.30 -11.58 -2.31
C ASN A 271 -14.46 -11.91 -3.79
N LEU A 272 -13.67 -11.27 -4.66
CA LEU A 272 -13.75 -11.56 -6.08
C LEU A 272 -13.29 -12.99 -6.40
N THR A 273 -12.16 -13.38 -5.83
CA THR A 273 -11.61 -14.72 -6.03
C THR A 273 -12.61 -15.78 -5.58
N LEU A 274 -13.13 -15.63 -4.37
CA LEU A 274 -14.12 -16.55 -3.85
C LEU A 274 -15.44 -16.53 -4.61
N TRP A 275 -15.82 -15.37 -5.14
CA TRP A 275 -17.02 -15.28 -5.97
C TRP A 275 -16.87 -16.05 -7.30
N PHE A 276 -15.71 -15.94 -7.95
CA PHE A 276 -15.40 -16.75 -9.14
C PHE A 276 -15.54 -18.24 -8.82
N GLU A 277 -14.98 -18.66 -7.67
CA GLU A 277 -15.01 -20.03 -7.26
C GLU A 277 -16.43 -20.52 -6.97
N LYS A 278 -17.19 -19.68 -6.26
CA LYS A 278 -18.59 -19.92 -5.97
C LYS A 278 -19.43 -20.04 -7.23
N CYS A 279 -19.26 -19.13 -8.19
CA CYS A 279 -19.93 -19.20 -9.50
C CYS A 279 -19.71 -20.55 -10.17
N ILE A 280 -18.46 -21.02 -10.11
CA ILE A 280 -18.07 -22.28 -10.76
C ILE A 280 -18.71 -23.51 -10.10
N VAL A 281 -18.45 -23.71 -8.80
CA VAL A 281 -18.84 -24.96 -8.15
C VAL A 281 -20.32 -25.03 -7.82
N GLU A 282 -20.99 -23.89 -7.72
CA GLU A 282 -22.45 -23.88 -7.59
C GLU A 282 -23.22 -24.03 -8.91
N THR A 283 -22.51 -24.03 -10.05
CA THR A 283 -23.11 -24.42 -11.32
C THR A 283 -22.88 -25.93 -11.44
N GLU A 284 -23.89 -26.69 -11.01
CA GLU A 284 -23.76 -28.16 -10.93
CA GLU A 284 -23.76 -28.15 -10.92
C GLU A 284 -23.79 -28.85 -12.28
N ASN A 285 -24.53 -28.29 -13.23
CA ASN A 285 -24.63 -28.90 -14.57
C ASN A 285 -23.30 -28.69 -15.30
N LEU A 286 -22.75 -29.76 -15.86
CA LEU A 286 -21.38 -29.75 -16.45
C LEU A 286 -21.25 -28.72 -17.57
N GLU A 287 -22.16 -28.80 -18.52
CA GLU A 287 -22.17 -27.92 -19.69
CA GLU A 287 -22.14 -27.92 -19.68
C GLU A 287 -22.26 -26.46 -19.25
N GLU A 288 -23.15 -26.17 -18.29
CA GLU A 288 -23.25 -24.79 -17.79
C GLU A 288 -21.96 -24.36 -17.08
N ARG A 289 -21.35 -25.29 -16.32
CA ARG A 289 -20.15 -24.96 -15.59
C ARG A 289 -18.98 -24.66 -16.55
N VAL A 290 -18.89 -25.41 -17.64
CA VAL A 290 -17.92 -25.13 -18.69
C VAL A 290 -18.10 -23.69 -19.22
N ALA A 291 -19.36 -23.29 -19.44
CA ALA A 291 -19.65 -21.92 -19.88
C ALA A 291 -19.19 -20.87 -18.86
N VAL A 292 -19.38 -21.15 -17.57
CA VAL A 292 -18.93 -20.26 -16.47
C VAL A 292 -17.40 -20.12 -16.45
N VAL A 293 -16.69 -21.25 -16.47
CA VAL A 293 -15.24 -21.23 -16.47
C VAL A 293 -14.73 -20.49 -17.70
N SER A 294 -15.32 -20.79 -18.84
CA SER A 294 -14.92 -20.16 -20.09
C SER A 294 -15.10 -18.64 -20.03
N ARG A 295 -16.20 -18.20 -19.46
CA ARG A 295 -16.47 -16.77 -19.33
C ARG A 295 -15.44 -16.08 -18.44
N ILE A 296 -15.06 -16.76 -17.35
CA ILE A 296 -14.06 -16.22 -16.44
C ILE A 296 -12.70 -16.11 -17.14
N ILE A 297 -12.36 -17.06 -18.00
CA ILE A 297 -11.12 -16.97 -18.75
C ILE A 297 -11.16 -15.82 -19.75
N GLU A 298 -12.33 -15.54 -20.31
CA GLU A 298 -12.49 -14.39 -21.20
C GLU A 298 -12.28 -13.08 -20.40
N ILE A 299 -12.76 -13.04 -19.16
CA ILE A 299 -12.55 -11.88 -18.29
C ILE A 299 -11.06 -11.70 -18.03
N LEU A 300 -10.36 -12.80 -17.74
CA LEU A 300 -8.90 -12.77 -17.62
C LEU A 300 -8.24 -12.21 -18.87
N GLN A 301 -8.71 -12.63 -20.06
CA GLN A 301 -8.16 -12.14 -21.32
C GLN A 301 -8.28 -10.63 -21.43
N VAL A 302 -9.41 -10.10 -21.01
CA VAL A 302 -9.60 -8.64 -21.08
C VAL A 302 -8.76 -7.93 -19.98
N PHE A 303 -8.65 -8.54 -18.79
CA PHE A 303 -7.72 -8.02 -17.78
C PHE A 303 -6.31 -7.93 -18.35
N GLN A 304 -5.88 -8.96 -19.09
CA GLN A 304 -4.54 -8.95 -19.72
C GLN A 304 -4.39 -7.83 -20.74
N GLU A 305 -5.41 -7.63 -21.57
CA GLU A 305 -5.42 -6.53 -22.53
C GLU A 305 -5.28 -5.15 -21.86
N LEU A 306 -5.93 -5.00 -20.71
CA LEU A 306 -5.87 -3.77 -19.90
C LEU A 306 -4.63 -3.66 -19.00
N ASN A 307 -3.77 -4.68 -19.00
CA ASN A 307 -2.65 -4.77 -18.06
C ASN A 307 -3.07 -4.63 -16.59
N ASN A 308 -4.23 -5.19 -16.28
CA ASN A 308 -4.63 -5.32 -14.90
C ASN A 308 -4.14 -6.69 -14.37
N PHE A 309 -2.88 -6.69 -13.95
CA PHE A 309 -2.20 -7.87 -13.43
C PHE A 309 -2.84 -8.32 -12.15
N ASN A 310 -3.27 -7.37 -11.36
CA ASN A 310 -4.05 -7.69 -10.16
C ASN A 310 -5.27 -8.61 -10.48
N GLY A 311 -6.05 -8.22 -11.48
CA GLY A 311 -7.18 -9.02 -11.96
C GLY A 311 -6.78 -10.36 -12.57
N VAL A 312 -5.73 -10.34 -13.38
CA VAL A 312 -5.25 -11.59 -14.02
C VAL A 312 -4.98 -12.62 -12.92
N LEU A 313 -4.27 -12.19 -11.88
CA LEU A 313 -3.83 -13.14 -10.84
C LEU A 313 -4.97 -13.52 -9.87
N GLU A 314 -6.01 -12.70 -9.77
CA GLU A 314 -7.23 -13.10 -9.08
C GLU A 314 -7.88 -14.27 -9.82
N VAL A 315 -7.92 -14.22 -11.16
CA VAL A 315 -8.50 -15.31 -11.92
C VAL A 315 -7.61 -16.57 -11.77
N VAL A 316 -6.30 -16.39 -11.86
CA VAL A 316 -5.37 -17.53 -11.74
C VAL A 316 -5.58 -18.17 -10.37
N SER A 317 -5.70 -17.35 -9.32
CA SER A 317 -5.92 -17.84 -7.96
CA SER A 317 -5.93 -17.84 -7.96
C SER A 317 -7.20 -18.69 -7.88
N ALA A 318 -8.30 -18.19 -8.44
CA ALA A 318 -9.54 -18.98 -8.41
C ALA A 318 -9.43 -20.29 -9.18
N MET A 319 -8.77 -20.25 -10.34
CA MET A 319 -8.65 -21.42 -11.21
C MET A 319 -7.75 -22.50 -10.62
N ASN A 320 -6.79 -22.07 -9.80
CA ASN A 320 -5.86 -22.93 -9.12
C ASN A 320 -6.27 -23.34 -7.71
N SER A 321 -7.41 -22.83 -7.24
CA SER A 321 -7.89 -23.15 -5.91
C SER A 321 -8.30 -24.63 -5.83
N SER A 322 -8.24 -25.20 -4.63
CA SER A 322 -8.56 -26.62 -4.44
C SER A 322 -9.91 -27.04 -5.05
N PRO A 323 -10.96 -26.23 -4.84
CA PRO A 323 -12.26 -26.65 -5.37
C PRO A 323 -12.36 -26.65 -6.88
N VAL A 324 -11.64 -25.76 -7.55
CA VAL A 324 -11.75 -25.57 -9.01
C VAL A 324 -10.74 -26.40 -9.78
N TYR A 325 -9.50 -26.41 -9.32
CA TYR A 325 -8.38 -27.09 -9.98
C TYR A 325 -8.66 -28.57 -10.30
N ARG A 326 -9.35 -29.25 -9.39
CA ARG A 326 -9.68 -30.66 -9.53
C ARG A 326 -10.81 -31.02 -10.50
N LEU A 327 -11.43 -30.03 -11.16
CA LEU A 327 -12.61 -30.25 -12.01
C LEU A 327 -12.19 -30.66 -13.44
N ASP A 328 -11.66 -31.87 -13.54
CA ASP A 328 -11.10 -32.37 -14.80
C ASP A 328 -12.12 -32.48 -15.93
N HIS A 329 -13.37 -32.85 -15.61
CA HIS A 329 -14.41 -32.95 -16.64
C HIS A 329 -14.76 -31.59 -17.24
N THR A 330 -14.66 -30.55 -16.41
CA THR A 330 -14.96 -29.20 -16.84
C THR A 330 -13.82 -28.68 -17.74
N PHE A 331 -12.60 -28.75 -17.23
CA PHE A 331 -11.44 -28.26 -17.97
C PHE A 331 -11.22 -29.02 -19.29
N GLU A 332 -11.64 -30.28 -19.33
CA GLU A 332 -11.53 -31.05 -20.55
C GLU A 332 -12.26 -30.37 -21.73
N GLN A 333 -13.42 -29.79 -21.43
CA GLN A 333 -14.23 -29.11 -22.46
C GLN A 333 -13.80 -27.67 -22.80
N ILE A 334 -12.90 -27.08 -22.02
CA ILE A 334 -12.39 -25.73 -22.32
C ILE A 334 -11.54 -25.75 -23.59
N PRO A 335 -11.85 -24.88 -24.59
CA PRO A 335 -11.03 -24.93 -25.82
C PRO A 335 -9.56 -24.71 -25.54
N SER A 336 -8.71 -25.31 -26.36
CA SER A 336 -7.25 -25.27 -26.18
CA SER A 336 -7.25 -25.28 -26.18
C SER A 336 -6.69 -23.86 -26.09
N ARG A 337 -7.30 -22.95 -26.83
CA ARG A 337 -6.86 -21.54 -26.90
C ARG A 337 -7.02 -20.88 -25.53
N GLN A 338 -8.13 -21.22 -24.86
CA GLN A 338 -8.40 -20.70 -23.52
C GLN A 338 -7.56 -21.38 -22.47
N LYS A 339 -7.30 -22.68 -22.62
CA LYS A 339 -6.35 -23.34 -21.71
C LYS A 339 -4.97 -22.67 -21.80
N LYS A 340 -4.57 -22.32 -23.01
CA LYS A 340 -3.28 -21.69 -23.22
C LYS A 340 -3.21 -20.27 -22.58
N ILE A 341 -4.25 -19.50 -22.76
CA ILE A 341 -4.36 -18.18 -22.08
C ILE A 341 -4.22 -18.33 -20.55
N LEU A 342 -4.90 -19.31 -19.98
CA LEU A 342 -4.83 -19.53 -18.56
C LEU A 342 -3.42 -19.98 -18.14
N GLU A 343 -2.82 -20.90 -18.91
CA GLU A 343 -1.46 -21.36 -18.65
CA GLU A 343 -1.45 -21.36 -18.68
C GLU A 343 -0.43 -20.22 -18.70
N GLU A 344 -0.54 -19.36 -19.70
CA GLU A 344 0.38 -18.21 -19.82
C GLU A 344 0.25 -17.27 -18.62
N ALA A 345 -0.98 -17.11 -18.13
CA ALA A 345 -1.23 -16.28 -16.94
C ALA A 345 -0.61 -16.92 -15.69
N HIS A 346 -0.79 -18.21 -15.49
CA HIS A 346 -0.14 -18.91 -14.35
C HIS A 346 1.39 -18.81 -14.41
N GLU A 347 1.92 -18.85 -15.61
CA GLU A 347 3.35 -18.70 -15.89
CA GLU A 347 3.38 -18.77 -15.77
C GLU A 347 3.97 -17.41 -15.34
N LEU A 348 3.14 -16.37 -15.23
CA LEU A 348 3.57 -15.08 -14.67
C LEU A 348 4.23 -15.24 -13.30
N SER A 349 3.70 -16.17 -12.49
CA SER A 349 4.11 -16.35 -11.12
C SER A 349 5.31 -17.28 -10.93
N GLU A 350 5.62 -18.08 -11.96
CA GLU A 350 6.66 -19.10 -11.85
CA GLU A 350 6.66 -19.10 -11.81
C GLU A 350 8.03 -18.43 -11.68
N ASP A 351 8.93 -19.12 -10.97
CA ASP A 351 10.30 -18.66 -10.74
C ASP A 351 10.33 -17.28 -10.06
N HIS A 352 9.66 -17.18 -8.91
CA HIS A 352 9.56 -15.95 -8.13
C HIS A 352 9.11 -14.79 -9.02
N TYR A 353 8.04 -15.01 -9.77
CA TYR A 353 7.37 -13.92 -10.52
C TYR A 353 8.27 -13.28 -11.60
N LYS A 354 9.25 -14.05 -12.12
CA LYS A 354 10.18 -13.56 -13.13
C LYS A 354 9.46 -12.94 -14.34
N LYS A 355 8.54 -13.70 -14.95
CA LYS A 355 7.82 -13.21 -16.13
C LYS A 355 6.93 -12.02 -15.75
N TYR A 356 6.28 -12.10 -14.61
CA TYR A 356 5.43 -10.98 -14.16
C TYR A 356 6.27 -9.70 -14.05
N LEU A 357 7.43 -9.78 -13.39
CA LEU A 357 8.21 -8.56 -13.14
C LEU A 357 8.72 -7.99 -14.46
N ALA A 358 9.18 -8.87 -15.35
CA ALA A 358 9.66 -8.45 -16.67
C ALA A 358 8.51 -7.75 -17.45
N LYS A 359 7.32 -8.32 -17.42
CA LYS A 359 6.19 -7.75 -18.13
C LYS A 359 5.81 -6.39 -17.54
N LEU A 360 5.71 -6.33 -16.21
CA LEU A 360 5.38 -5.08 -15.51
C LEU A 360 6.31 -3.94 -15.89
N ARG A 361 7.59 -4.25 -16.01
CA ARG A 361 8.61 -3.26 -16.36
C ARG A 361 8.64 -2.92 -17.84
N SER A 362 8.11 -3.77 -18.72
CA SER A 362 8.17 -3.51 -20.16
C SER A 362 6.98 -2.65 -20.66
N ILE A 363 5.83 -2.69 -19.98
CA ILE A 363 4.65 -1.99 -20.52
C ILE A 363 4.62 -0.46 -20.27
N ASN A 364 3.75 0.22 -21.01
CA ASN A 364 3.48 1.65 -20.77
C ASN A 364 2.19 1.74 -19.97
N PRO A 365 1.95 2.86 -19.27
CA PRO A 365 0.67 3.00 -18.56
C PRO A 365 -0.53 2.91 -19.53
N PRO A 366 -1.71 2.55 -19.06
CA PRO A 366 -2.00 2.26 -17.66
C PRO A 366 -1.91 0.78 -17.28
N CYS A 367 -1.72 0.53 -15.99
CA CYS A 367 -1.73 -0.82 -15.45
C CYS A 367 -2.27 -0.82 -14.02
N VAL A 368 -2.63 -2.01 -13.54
CA VAL A 368 -2.80 -2.25 -12.12
C VAL A 368 -1.84 -3.36 -11.72
N PRO A 369 -0.80 -3.02 -10.94
CA PRO A 369 0.12 -4.07 -10.50
C PRO A 369 -0.53 -5.12 -9.64
N PHE A 370 0.05 -6.32 -9.63
CA PHE A 370 -0.34 -7.37 -8.72
C PHE A 370 0.03 -6.95 -7.32
N PHE A 371 -0.98 -6.78 -6.48
CA PHE A 371 -0.77 -6.21 -5.14
C PHE A 371 -0.15 -7.20 -4.16
N GLY A 372 -0.52 -8.47 -4.26
CA GLY A 372 -0.08 -9.48 -3.31
C GLY A 372 1.42 -9.65 -3.15
N ILE A 373 2.17 -9.53 -4.24
CA ILE A 373 3.62 -9.67 -4.18
C ILE A 373 4.27 -8.64 -3.25
N TYR A 374 3.71 -7.43 -3.16
CA TYR A 374 4.22 -6.42 -2.21
C TYR A 374 4.02 -6.85 -0.79
N LEU A 375 2.84 -7.38 -0.49
CA LEU A 375 2.56 -7.87 0.86
C LEU A 375 3.49 -9.00 1.27
N THR A 376 3.64 -9.96 0.36
CA THR A 376 4.58 -11.06 0.56
C THR A 376 6.00 -10.61 0.82
N ASN A 377 6.53 -9.73 -0.04
CA ASN A 377 7.90 -9.25 0.12
C ASN A 377 8.09 -8.38 1.36
N ILE A 378 7.12 -7.54 1.69
CA ILE A 378 7.18 -6.79 2.95
C ILE A 378 7.19 -7.70 4.18
N LEU A 379 6.32 -8.71 4.20
CA LEU A 379 6.32 -9.65 5.32
C LEU A 379 7.63 -10.40 5.46
N LYS A 380 8.23 -10.83 4.35
CA LYS A 380 9.58 -11.45 4.39
C LYS A 380 10.62 -10.52 4.97
N THR A 381 10.55 -9.24 4.61
CA THR A 381 11.49 -8.26 5.17
C THR A 381 11.29 -8.06 6.68
N GLU A 382 10.03 -7.96 7.11
CA GLU A 382 9.69 -7.79 8.52
C GLU A 382 10.12 -8.97 9.36
N GLU A 383 9.85 -10.17 8.88
CA GLU A 383 10.14 -11.39 9.62
C GLU A 383 11.62 -11.77 9.57
N GLY A 384 12.34 -11.29 8.55
CA GLY A 384 13.74 -11.72 8.31
C GLY A 384 14.82 -10.78 8.75
N ASN A 385 14.46 -9.61 9.27
CA ASN A 385 15.43 -8.68 9.80
C ASN A 385 14.98 -8.33 11.22
N PRO A 386 15.93 -8.17 12.13
CA PRO A 386 15.61 -7.89 13.52
C PRO A 386 15.18 -6.44 13.73
N GLU A 387 14.27 -6.23 14.68
CA GLU A 387 13.79 -4.89 15.06
C GLU A 387 14.89 -3.97 15.57
N VAL A 388 15.83 -4.56 16.33
CA VAL A 388 16.98 -3.83 16.84
C VAL A 388 18.30 -4.51 16.49
N LEU A 389 19.37 -3.72 16.50
CA LEU A 389 20.74 -4.22 16.46
C LEU A 389 21.30 -4.01 17.84
N LYS A 390 22.14 -4.94 18.28
CA LYS A 390 22.78 -4.83 19.59
C LYS A 390 24.23 -4.47 19.40
N ARG A 391 24.67 -3.42 20.08
CA ARG A 391 26.08 -3.07 20.16
C ARG A 391 26.40 -2.68 21.59
N HIS A 392 27.40 -3.35 22.16
CA HIS A 392 27.96 -3.02 23.49
C HIS A 392 26.89 -3.00 24.59
N GLY A 393 25.98 -3.98 24.54
CA GLY A 393 24.86 -4.07 25.50
C GLY A 393 23.72 -3.06 25.32
N LYS A 394 23.75 -2.29 24.24
CA LYS A 394 22.74 -1.27 23.96
C LYS A 394 21.98 -1.66 22.71
N GLU A 395 20.70 -1.29 22.65
CA GLU A 395 19.84 -1.62 21.53
C GLU A 395 19.67 -0.40 20.64
N LEU A 396 19.92 -0.59 19.35
CA LEU A 396 19.73 0.45 18.35
C LEU A 396 18.61 0.05 17.44
N ILE A 397 17.73 0.99 17.14
CA ILE A 397 16.63 0.72 16.23
C ILE A 397 17.25 0.39 14.88
N ASN A 398 16.83 -0.71 14.28
CA ASN A 398 17.32 -1.13 12.94
C ASN A 398 16.64 -0.31 11.83
N PHE A 399 17.29 0.77 11.39
CA PHE A 399 16.67 1.67 10.44
C PHE A 399 16.77 1.16 9.00
N SER A 400 17.84 0.43 8.65
CA SER A 400 17.94 -0.19 7.33
C SER A 400 16.78 -1.11 7.02
N LYS A 401 16.26 -1.79 8.05
CA LYS A 401 15.08 -2.64 7.90
C LYS A 401 13.89 -1.79 7.43
N ARG A 402 13.70 -0.67 8.12
CA ARG A 402 12.63 0.28 7.73
C ARG A 402 12.83 0.82 6.31
N ARG A 403 14.06 1.18 5.98
CA ARG A 403 14.36 1.70 4.65
C ARG A 403 14.06 0.66 3.56
N LYS A 404 14.40 -0.61 3.79
CA LYS A 404 14.03 -1.67 2.81
C LYS A 404 12.51 -1.76 2.62
N VAL A 405 11.74 -1.68 3.73
CA VAL A 405 10.30 -1.73 3.61
C VAL A 405 9.83 -0.50 2.80
N ALA A 406 10.42 0.67 3.08
CA ALA A 406 10.02 1.92 2.39
C ALA A 406 10.33 1.87 0.90
N GLU A 407 11.44 1.22 0.54
CA GLU A 407 11.78 1.06 -0.87
C GLU A 407 10.75 0.21 -1.61
N ILE A 408 10.22 -0.81 -0.96
CA ILE A 408 9.16 -1.61 -1.54
C ILE A 408 7.86 -0.79 -1.65
N THR A 409 7.53 -0.01 -0.62
CA THR A 409 6.39 0.91 -0.74
C THR A 409 6.59 1.96 -1.84
N GLY A 410 7.82 2.40 -2.05
CA GLY A 410 8.17 3.29 -3.14
C GLY A 410 7.86 2.71 -4.50
N GLU A 411 8.10 1.41 -4.68
CA GLU A 411 7.73 0.74 -5.94
C GLU A 411 6.22 0.78 -6.15
N ILE A 412 5.45 0.58 -5.08
CA ILE A 412 3.99 0.64 -5.15
C ILE A 412 3.58 2.00 -5.69
N GLN A 413 4.17 3.04 -5.12
CA GLN A 413 3.79 4.41 -5.43
C GLN A 413 4.06 4.81 -6.87
N GLN A 414 5.12 4.26 -7.47
CA GLN A 414 5.46 4.60 -8.85
C GLN A 414 4.37 4.23 -9.89
N TYR A 415 3.43 3.35 -9.52
CA TYR A 415 2.35 2.98 -10.44
C TYR A 415 1.00 3.56 -10.03
N GLN A 416 0.98 4.49 -9.07
CA GLN A 416 -0.30 5.00 -8.52
C GLN A 416 -0.89 6.21 -9.28
N ASN A 417 -0.31 6.63 -10.40
CA ASN A 417 -0.85 7.77 -11.14
C ASN A 417 -1.16 7.38 -12.58
N GLN A 418 -1.88 6.27 -12.73
CA GLN A 418 -2.17 5.70 -14.06
C GLN A 418 -3.68 5.48 -14.30
N PRO A 419 -4.41 6.57 -14.55
CA PRO A 419 -5.84 6.43 -14.81
C PRO A 419 -6.14 5.73 -16.14
N TYR A 420 -7.23 4.95 -16.13
CA TYR A 420 -7.75 4.30 -17.33
C TYR A 420 -8.72 5.22 -18.07
N CYS A 421 -8.61 5.23 -19.41
CA CYS A 421 -9.59 5.87 -20.28
C CYS A 421 -10.81 4.93 -20.47
N LEU A 422 -11.52 4.72 -19.37
CA LEU A 422 -12.71 3.90 -19.32
C LEU A 422 -13.78 4.64 -18.53
N ARG A 423 -15.01 4.61 -19.04
CA ARG A 423 -16.13 5.21 -18.34
C ARG A 423 -16.62 4.28 -17.22
N VAL A 424 -16.79 4.83 -16.02
CA VAL A 424 -17.46 4.13 -14.91
C VAL A 424 -18.92 3.84 -15.28
N GLU A 425 -19.41 2.66 -14.94
CA GLU A 425 -20.85 2.35 -14.98
C GLU A 425 -21.22 2.10 -13.53
N SER A 426 -21.95 3.04 -12.95
CA SER A 426 -22.22 3.07 -11.51
C SER A 426 -22.91 1.82 -10.95
N ASP A 427 -23.87 1.30 -11.69
CA ASP A 427 -24.58 0.09 -11.24
C ASP A 427 -23.67 -1.16 -11.26
N ILE A 428 -22.86 -1.29 -12.30
CA ILE A 428 -21.93 -2.42 -12.39
C ILE A 428 -20.86 -2.29 -11.29
N LYS A 429 -20.30 -1.08 -11.12
CA LYS A 429 -19.40 -0.78 -10.02
C LYS A 429 -19.95 -1.22 -8.65
N ARG A 430 -21.20 -0.79 -8.34
CA ARG A 430 -21.88 -1.18 -7.10
C ARG A 430 -22.02 -2.70 -6.92
N PHE A 431 -22.37 -3.40 -8.00
CA PHE A 431 -22.50 -4.86 -7.97
C PHE A 431 -21.20 -5.54 -7.50
N PHE A 432 -20.08 -5.12 -8.09
CA PHE A 432 -18.77 -5.61 -7.66
C PHE A 432 -18.31 -5.13 -6.30
N GLU A 433 -18.58 -3.88 -5.95
CA GLU A 433 -18.33 -3.41 -4.58
C GLU A 433 -19.09 -4.19 -3.50
N ASN A 434 -20.27 -4.68 -3.82
CA ASN A 434 -21.13 -5.33 -2.84
C ASN A 434 -21.01 -6.86 -2.86
N LEU A 435 -20.06 -7.44 -3.61
CA LEU A 435 -19.90 -8.90 -3.59
C LEU A 435 -19.62 -9.37 -2.17
N ASN A 436 -20.34 -10.39 -1.77
CA ASN A 436 -20.15 -10.98 -0.47
C ASN A 436 -20.41 -12.48 -0.62
N PRO A 437 -19.53 -13.16 -1.36
CA PRO A 437 -19.76 -14.60 -1.57
C PRO A 437 -19.86 -15.45 -0.31
N MET A 438 -19.12 -15.06 0.72
CA MET A 438 -19.11 -15.76 2.00
C MET A 438 -20.39 -15.61 2.80
N GLY A 439 -21.20 -14.58 2.49
CA GLY A 439 -22.41 -14.32 3.27
C GLY A 439 -22.04 -14.09 4.72
N ASN A 440 -22.71 -14.78 5.64
CA ASN A 440 -22.37 -14.73 7.08
C ASN A 440 -21.44 -15.88 7.54
N SER A 441 -20.76 -16.54 6.59
CA SER A 441 -19.80 -17.61 6.92
C SER A 441 -18.42 -17.06 7.11
N MET A 442 -17.70 -17.65 8.03
CA MET A 442 -16.26 -17.45 8.12
C MET A 442 -15.60 -18.03 6.88
N GLU A 443 -14.44 -17.50 6.53
CA GLU A 443 -13.76 -17.88 5.31
C GLU A 443 -13.45 -19.39 5.21
N LYS A 444 -12.92 -19.96 6.29
CA LYS A 444 -12.53 -21.36 6.31
C LYS A 444 -13.75 -22.27 6.08
N GLU A 445 -14.80 -21.96 6.82
CA GLU A 445 -16.10 -22.58 6.68
C GLU A 445 -16.61 -22.52 5.24
N PHE A 446 -16.45 -21.37 4.60
CA PHE A 446 -16.95 -21.19 3.26
C PHE A 446 -16.08 -21.94 2.25
N THR A 447 -14.77 -21.93 2.43
CA THR A 447 -13.87 -22.62 1.48
C THR A 447 -13.99 -24.15 1.64
N ASP A 448 -14.30 -24.64 2.85
CA ASP A 448 -14.62 -26.07 3.06
C ASP A 448 -15.91 -26.45 2.35
N TYR A 449 -16.92 -25.56 2.42
CA TYR A 449 -18.15 -25.76 1.67
C TYR A 449 -17.86 -25.80 0.14
N LEU A 450 -17.03 -24.90 -0.37
CA LEU A 450 -16.68 -24.90 -1.81
C LEU A 450 -16.06 -26.24 -2.26
N PHE A 451 -15.14 -26.75 -1.45
CA PHE A 451 -14.52 -28.02 -1.74
C PHE A 451 -15.52 -29.19 -1.69
N ASN A 452 -16.40 -29.19 -0.68
CA ASN A 452 -17.44 -30.23 -0.61
C ASN A 452 -18.41 -30.15 -1.80
N LYS A 453 -18.72 -28.93 -2.24
CA LYS A 453 -19.46 -28.74 -3.49
C LYS A 453 -18.74 -29.35 -4.71
N SER A 454 -17.45 -29.04 -4.85
CA SER A 454 -16.60 -29.59 -5.92
C SER A 454 -16.69 -31.11 -5.93
N LEU A 455 -16.52 -31.72 -4.76
CA LEU A 455 -16.71 -33.18 -4.60
C LEU A 455 -18.09 -33.72 -5.02
N GLU A 456 -19.14 -32.96 -4.72
CA GLU A 456 -20.50 -33.32 -5.13
C GLU A 456 -20.66 -33.26 -6.67
N ILE A 457 -20.17 -32.20 -7.29
CA ILE A 457 -20.40 -32.02 -8.74
C ILE A 457 -19.51 -32.90 -9.63
N GLU A 458 -18.31 -33.21 -9.16
CA GLU A 458 -17.41 -34.15 -9.83
C GLU A 458 -16.78 -35.03 -8.76
N PRO A 459 -17.43 -36.15 -8.41
CA PRO A 459 -16.91 -37.05 -7.40
C PRO A 459 -15.58 -37.68 -7.77
N ARG A 460 -14.81 -38.03 -6.74
CA ARG A 460 -13.53 -38.71 -6.93
CA ARG A 460 -13.53 -38.72 -6.91
C ARG A 460 -13.77 -40.07 -7.53
N ASN A 461 -12.83 -40.54 -8.35
CA ASN A 461 -12.87 -41.92 -8.87
C ASN A 461 -12.78 -42.89 -7.67
N PRO A 462 -13.46 -44.04 -7.73
CA PRO A 462 -14.18 -44.54 -8.90
C PRO A 462 -15.68 -44.17 -8.98
N LYS A 463 -16.12 -43.19 -8.19
CA LYS A 463 -17.55 -42.85 -8.14
C LYS A 463 -18.00 -42.31 -9.50
N PRO A 464 -19.21 -42.74 -9.97
CA PRO A 464 -19.64 -42.26 -11.28
C PRO A 464 -19.99 -40.78 -11.27
N LEU A 465 -19.94 -40.16 -12.45
CA LEU A 465 -20.28 -38.73 -12.60
C LEU A 465 -21.78 -38.54 -12.74
N PRO A 466 -22.45 -37.97 -11.72
CA PRO A 466 -23.89 -37.78 -11.89
C PRO A 466 -24.18 -36.60 -12.82
N ARG A 467 -25.38 -36.59 -13.35
CA ARG A 467 -25.87 -35.46 -14.11
C ARG A 467 -26.72 -34.58 -13.21
N PHE A 468 -26.70 -33.28 -13.50
CA PHE A 468 -27.42 -32.29 -12.72
C PHE A 468 -28.25 -31.40 -13.64
N PRO A 469 -29.41 -30.94 -13.15
CA PRO A 469 -30.22 -30.06 -13.99
C PRO A 469 -29.60 -28.67 -14.20
N LYS A 470 -29.98 -28.06 -15.32
CA LYS A 470 -29.63 -26.69 -15.66
C LYS A 470 -30.25 -25.71 -14.65
N LYS A 471 -29.50 -24.66 -14.34
CA LYS A 471 -29.96 -23.57 -13.49
C LYS A 471 -30.14 -22.26 -14.28
N TYR A 472 -29.57 -22.15 -15.49
CA TYR A 472 -29.63 -20.91 -16.27
C TYR A 472 -30.68 -21.07 -17.37
N SER A 473 -31.63 -20.14 -17.40
CA SER A 473 -32.69 -20.12 -18.41
C SER A 473 -32.44 -19.15 -19.58
N TYR A 474 -31.26 -18.53 -19.63
CA TYR A 474 -30.89 -17.64 -20.72
C TYR A 474 -29.75 -18.26 -21.53
N PRO A 475 -29.50 -17.74 -22.76
CA PRO A 475 -28.45 -18.38 -23.55
C PRO A 475 -27.06 -18.29 -22.93
N LEU A 476 -26.30 -19.38 -23.04
CA LEU A 476 -24.97 -19.48 -22.46
C LEU A 476 -23.84 -19.03 -23.38
N LYS A 477 -24.12 -18.83 -24.67
CA LYS A 477 -23.07 -18.41 -25.60
C LYS A 477 -22.52 -17.03 -25.24
N SER A 478 -21.20 -16.91 -25.20
CA SER A 478 -20.59 -15.63 -24.87
C SER A 478 -20.70 -14.65 -26.05
N PRO A 479 -20.82 -13.35 -25.76
CA PRO A 479 -20.74 -12.37 -26.84
C PRO A 479 -19.29 -12.15 -27.33
N GLY A 480 -18.29 -12.76 -26.68
CA GLY A 480 -16.91 -12.60 -27.08
C GLY A 480 -16.31 -11.39 -26.41
N VAL A 481 -15.02 -11.17 -26.68
CA VAL A 481 -14.25 -10.11 -26.06
C VAL A 481 -13.75 -9.05 -27.05
N ARG A 482 -14.27 -9.06 -28.27
CA ARG A 482 -13.94 -8.02 -29.25
C ARG A 482 -14.93 -6.87 -29.04
N PRO A 483 -14.42 -5.64 -28.78
CA PRO A 483 -15.35 -4.53 -28.53
C PRO A 483 -16.01 -4.05 -29.82
N SER A 484 -17.17 -3.41 -29.71
CA SER A 484 -17.87 -2.87 -30.87
C SER A 484 -17.01 -1.78 -31.54
N ASN A 485 -17.06 -1.74 -32.88
CA ASN A 485 -16.33 -0.78 -33.77
C ASN A 485 -16.04 -1.45 -35.10
C1 EDO B . -11.80 -3.89 -23.95
O1 EDO B . -11.13 -3.82 -25.22
C2 EDO B . -10.96 -3.20 -22.90
O2 EDO B . -11.55 -1.93 -22.66
C1 EDO C . -24.58 -17.83 -10.52
O1 EDO C . -25.75 -17.17 -11.00
C2 EDO C . -23.29 -17.28 -11.13
O2 EDO C . -23.13 -17.58 -12.54
C1 EDO D . -1.36 -16.70 -7.58
O1 EDO D . -2.44 -17.64 -7.44
C2 EDO D . -1.87 -15.27 -7.52
O2 EDO D . -2.45 -14.96 -6.24
C1 EDO E . -5.02 -24.52 -18.64
O1 EDO E . -3.77 -24.00 -18.22
C2 EDO E . -5.67 -25.30 -17.52
O2 EDO E . -6.69 -26.16 -18.04
C1 EDO F . 8.27 -6.58 -6.27
O1 EDO F . 9.38 -5.88 -6.83
C2 EDO F . 7.95 -6.02 -4.89
O2 EDO F . 8.88 -6.48 -3.91
#